data_6PJ2
#
_entry.id   6PJ2
#
_cell.length_a   54.364
_cell.length_b   59.637
_cell.length_c   58.587
_cell.angle_alpha   90.00
_cell.angle_beta   90.00
_cell.angle_gamma   90.00
#
_symmetry.space_group_name_H-M   'P 21 21 21'
#
loop_
_entity.id
_entity.type
_entity.pdbx_description
1 polymer 'NS3 protease'
2 non-polymer 'ZINC ION'
3 non-polymer '(2R,6S,12Z,13aS,14aR,16aS)-6-[(N-acetyl-L-isoleucyl)amino]-2-[(7-methoxy-3-methylquinoxalin-2-yl)oxy]-N-[(1-methylcyclo propyl)sulfonyl]-5,16-dioxo-1,2,3,6,7,8,9,10,11,13a,14,15,16,16a-tetradecahydrocyclopropa[e]pyrrolo[1,2-a][1,4]diazacycl opentadecine-14a(5H)-carboxamide'
4 non-polymer 1,2-ETHANEDIOL
5 non-polymer 'SULFATE ION'
6 water water
#
_entity_poly.entity_id   1
_entity_poly.type   'polypeptide(L)'
_entity_poly.pdbx_seq_one_letter_code
;MGSSHHHHHHSSGLVPRGSHMASMKKKGSVVIVGRINLSGDTAYAQQTRGEEGCQETSQTGRDKNQVEGEVQIVSTATQT
FLATSINGVLWTVYHGAGTRTIASPKGPVTQMYTNVDKDLVGWQAPQGSRSLTPCTCGSSDLYLVTRHADVIPVRRRGDS
RGSLLSPRPISYLKGSSGGPLLCPAGHAVGIFRAAVSTRGVAKAVAFIPVESLETTMRSP
;
_entity_poly.pdbx_strand_id   A
#
# COMPACT_ATOMS: atom_id res chain seq x y z
N MET A 21 6.03 29.63 -16.96
CA MET A 21 5.29 28.64 -17.73
C MET A 21 6.24 27.64 -18.38
N ALA A 22 7.19 28.16 -19.16
CA ALA A 22 8.30 27.33 -19.60
C ALA A 22 9.07 26.76 -18.42
N SER A 23 8.95 27.39 -17.24
CA SER A 23 9.60 26.92 -16.02
C SER A 23 8.89 25.75 -15.37
N MET A 24 7.62 25.53 -15.69
CA MET A 24 6.81 24.58 -14.95
C MET A 24 7.38 23.17 -15.05
N LYS A 25 7.54 22.52 -13.90
CA LYS A 25 7.98 21.14 -13.82
C LYS A 25 6.78 20.22 -13.64
N LYS A 26 7.01 18.93 -13.83
CA LYS A 26 5.99 17.90 -13.64
C LYS A 26 6.45 16.92 -12.58
N LYS A 27 5.53 16.49 -11.73
CA LYS A 27 5.87 15.53 -10.69
C LYS A 27 6.13 14.16 -11.30
N GLY A 28 7.05 13.43 -10.70
CA GLY A 28 7.38 12.11 -11.18
C GLY A 28 6.29 11.10 -10.86
N SER A 29 6.45 9.91 -11.42
CA SER A 29 5.53 8.82 -11.16
C SER A 29 5.90 8.09 -9.87
N VAL A 30 4.91 7.44 -9.27
CA VAL A 30 5.18 6.46 -8.23
C VAL A 30 5.95 5.30 -8.86
N VAL A 31 6.93 4.78 -8.13
CA VAL A 31 7.78 3.70 -8.62
C VAL A 31 7.74 2.54 -7.63
N ILE A 32 7.60 1.34 -8.15
CA ILE A 32 7.73 0.13 -7.36
C ILE A 32 9.22 -0.13 -7.13
N VAL A 33 9.63 -0.21 -5.87
CA VAL A 33 11.03 -0.44 -5.52
C VAL A 33 11.24 -1.76 -4.79
N GLY A 34 10.18 -2.51 -4.53
CA GLY A 34 10.32 -3.79 -3.87
C GLY A 34 8.97 -4.40 -3.60
N ARG A 35 8.96 -5.39 -2.72
CA ARG A 35 7.71 -6.07 -2.38
C ARG A 35 7.87 -6.73 -1.02
N ILE A 36 6.73 -7.06 -0.42
CA ILE A 36 6.70 -7.90 0.77
C ILE A 36 6.34 -9.31 0.32
N ASN A 37 7.26 -10.25 0.53
CA ASN A 37 7.08 -11.61 0.06
C ASN A 37 6.31 -12.40 1.11
N LEU A 38 5.09 -12.81 0.76
CA LEU A 38 4.28 -13.67 1.59
C LEU A 38 4.17 -15.06 0.98
N SER A 39 5.18 -15.44 0.20
CA SER A 39 5.15 -16.70 -0.56
C SER A 39 5.09 -17.90 0.36
N GLY A 40 6.11 -18.09 1.18
CA GLY A 40 6.23 -19.28 1.99
C GLY A 40 5.78 -19.12 3.43
N ASP A 41 6.60 -19.65 4.32
CA ASP A 41 6.32 -19.65 5.76
C ASP A 41 6.84 -18.40 6.45
N THR A 42 7.69 -17.63 5.79
CA THR A 42 8.40 -16.52 6.41
C THR A 42 8.18 -15.28 5.55
N ALA A 43 7.57 -14.25 6.13
CA ALA A 43 7.40 -12.98 5.44
C ALA A 43 8.70 -12.20 5.47
N TYR A 44 9.06 -11.59 4.34
CA TYR A 44 10.28 -10.81 4.28
C TYR A 44 10.18 -9.82 3.14
N ALA A 45 10.82 -8.67 3.32
CA ALA A 45 10.84 -7.63 2.32
C ALA A 45 11.97 -7.89 1.32
N GLN A 46 11.68 -7.64 0.05
CA GLN A 46 12.67 -7.70 -1.01
C GLN A 46 12.71 -6.35 -1.71
N GLN A 47 13.90 -5.84 -1.97
CA GLN A 47 14.06 -4.63 -2.77
C GLN A 47 14.42 -5.03 -4.19
N THR A 48 13.76 -4.39 -5.16
CA THR A 48 13.97 -4.69 -6.57
C THR A 48 14.60 -3.54 -7.33
N ARG A 49 14.73 -2.36 -6.72
CA ARG A 49 15.31 -1.21 -7.42
C ARG A 49 15.95 -0.27 -6.40
N GLY A 50 17.15 0.22 -6.72
CA GLY A 50 17.86 1.11 -5.84
C GLY A 50 17.43 2.56 -6.00
N GLU A 51 18.02 3.41 -5.15
CA GLU A 51 17.65 4.82 -5.10
C GLU A 51 17.77 5.47 -6.48
N GLU A 52 18.96 5.38 -7.09
CA GLU A 52 19.18 6.08 -8.35
C GLU A 52 18.25 5.57 -9.44
N GLY A 53 18.11 4.24 -9.55
CA GLY A 53 17.16 3.69 -10.50
C GLY A 53 15.74 4.17 -10.24
N CYS A 54 15.39 4.34 -8.96
CA CYS A 54 14.06 4.82 -8.62
C CYS A 54 13.85 6.24 -9.13
N GLN A 55 14.83 7.13 -8.90
CA GLN A 55 14.70 8.49 -9.38
C GLN A 55 14.61 8.54 -10.91
N GLU A 56 15.49 7.80 -11.58
CA GLU A 56 15.43 7.74 -13.04
C GLU A 56 14.07 7.26 -13.51
N THR A 57 13.52 6.22 -12.87
CA THR A 57 12.25 5.66 -13.29
C THR A 57 11.08 6.59 -12.98
N SER A 58 11.18 7.35 -11.89
CA SER A 58 10.10 8.27 -11.54
C SER A 58 9.99 9.41 -12.56
N GLN A 59 11.11 9.80 -13.16
CA GLN A 59 11.09 10.89 -14.15
C GLN A 59 10.58 10.42 -15.50
N THR A 60 10.99 9.23 -15.95
CA THR A 60 10.55 8.73 -17.24
C THR A 60 9.18 8.04 -17.16
N GLY A 61 8.84 7.46 -16.01
CA GLY A 61 7.65 6.66 -15.93
C GLY A 61 7.76 5.31 -16.59
N ARG A 62 8.95 4.93 -17.06
CA ARG A 62 9.19 3.67 -17.76
C ARG A 62 9.85 2.69 -16.78
N ASP A 63 9.09 1.71 -16.32
CA ASP A 63 9.59 0.69 -15.39
C ASP A 63 9.52 -0.66 -16.10
N LYS A 64 10.69 -1.23 -16.40
CA LYS A 64 10.78 -2.50 -17.11
C LYS A 64 10.99 -3.68 -16.17
N ASN A 65 11.00 -3.47 -14.86
CA ASN A 65 11.21 -4.56 -13.92
C ASN A 65 9.98 -5.45 -13.83
N GLN A 66 10.21 -6.76 -13.77
CA GLN A 66 9.14 -7.70 -13.51
C GLN A 66 8.52 -7.43 -12.14
N VAL A 67 7.20 -7.53 -12.07
CA VAL A 67 6.47 -7.32 -10.82
C VAL A 67 5.97 -8.67 -10.34
N GLU A 68 6.01 -8.87 -9.01
CA GLU A 68 5.51 -10.09 -8.41
C GLU A 68 4.85 -9.78 -7.07
N GLY A 69 3.90 -10.61 -6.69
CA GLY A 69 3.35 -10.56 -5.36
C GLY A 69 2.16 -9.63 -5.22
N GLU A 70 1.66 -9.56 -3.98
CA GLU A 70 0.47 -8.79 -3.65
C GLU A 70 0.79 -7.43 -3.05
N VAL A 71 1.83 -7.33 -2.23
CA VAL A 71 2.15 -6.11 -1.51
C VAL A 71 3.45 -5.55 -2.09
N GLN A 72 3.35 -4.39 -2.71
CA GLN A 72 4.49 -3.71 -3.31
C GLN A 72 4.98 -2.61 -2.38
N ILE A 73 6.30 -2.39 -2.40
CA ILE A 73 6.91 -1.22 -1.79
C ILE A 73 7.09 -0.17 -2.88
N VAL A 74 6.59 1.03 -2.65
CA VAL A 74 6.58 2.07 -3.67
C VAL A 74 7.20 3.33 -3.10
N SER A 75 7.75 4.15 -4.00
CA SER A 75 8.40 5.39 -3.59
C SER A 75 8.14 6.47 -4.62
N THR A 76 8.17 7.72 -4.16
CA THR A 76 8.29 8.88 -5.00
C THR A 76 9.70 9.45 -4.83
N ALA A 77 9.89 10.70 -5.23
CA ALA A 77 11.17 11.36 -4.98
C ALA A 77 11.37 11.67 -3.49
N THR A 78 10.28 11.74 -2.72
CA THR A 78 10.33 12.23 -1.35
C THR A 78 9.72 11.31 -0.31
N GLN A 79 8.88 10.35 -0.70
N GLN A 79 8.88 10.35 -0.70
CA GLN A 79 8.20 9.49 0.26
CA GLN A 79 8.20 9.49 0.26
C GLN A 79 8.26 8.04 -0.21
C GLN A 79 8.27 8.04 -0.21
N THR A 80 8.14 7.13 0.76
CA THR A 80 8.07 5.70 0.48
C THR A 80 6.98 5.10 1.34
N PHE A 81 6.21 4.18 0.75
CA PHE A 81 5.07 3.57 1.42
C PHE A 81 4.76 2.27 0.69
N LEU A 82 3.56 1.73 0.90
CA LEU A 82 3.18 0.46 0.33
C LEU A 82 1.98 0.62 -0.61
N ALA A 83 1.78 -0.40 -1.44
CA ALA A 83 0.61 -0.48 -2.30
C ALA A 83 0.22 -1.95 -2.44
N THR A 84 -1.08 -2.21 -2.37
CA THR A 84 -1.60 -3.57 -2.27
C THR A 84 -2.60 -3.83 -3.38
N SER A 85 -2.45 -4.98 -4.06
CA SER A 85 -3.34 -5.37 -5.14
C SER A 85 -4.53 -6.13 -4.58
N ILE A 86 -5.73 -5.65 -4.86
CA ILE A 86 -6.97 -6.32 -4.50
C ILE A 86 -7.92 -6.20 -5.69
N ASN A 87 -8.43 -7.35 -6.15
CA ASN A 87 -9.42 -7.37 -7.24
C ASN A 87 -8.85 -6.77 -8.53
N GLY A 88 -7.56 -6.95 -8.77
CA GLY A 88 -6.95 -6.42 -9.98
C GLY A 88 -6.70 -4.94 -9.95
N VAL A 89 -6.69 -4.32 -8.78
CA VAL A 89 -6.39 -2.90 -8.62
C VAL A 89 -5.29 -2.77 -7.58
N LEU A 90 -4.26 -1.99 -7.90
CA LEU A 90 -3.18 -1.70 -6.96
C LEU A 90 -3.58 -0.46 -6.14
N TRP A 91 -3.88 -0.67 -4.86
CA TRP A 91 -4.39 0.38 -3.99
C TRP A 91 -3.28 0.97 -3.12
N THR A 92 -3.37 2.27 -2.85
CA THR A 92 -2.50 2.92 -1.87
C THR A 92 -3.23 4.15 -1.34
N VAL A 93 -2.49 4.97 -0.58
CA VAL A 93 -3.06 6.12 0.11
C VAL A 93 -2.84 7.39 -0.70
N TYR A 94 -3.83 8.28 -0.67
CA TYR A 94 -3.69 9.56 -1.37
C TYR A 94 -2.58 10.41 -0.76
N HIS A 95 -2.43 10.37 0.57
CA HIS A 95 -1.41 11.19 1.21
C HIS A 95 0.00 10.72 0.89
N GLY A 96 0.15 9.56 0.27
CA GLY A 96 1.43 9.12 -0.24
C GLY A 96 1.61 9.41 -1.72
N ALA A 97 0.63 9.02 -2.52
CA ALA A 97 0.75 9.09 -3.97
C ALA A 97 0.20 10.37 -4.57
N GLY A 98 -0.65 11.10 -3.85
CA GLY A 98 -1.35 12.21 -4.46
C GLY A 98 -2.09 11.75 -5.70
N THR A 99 -2.08 12.59 -6.74
CA THR A 99 -2.68 12.25 -8.02
C THR A 99 -1.66 11.71 -9.01
N ARG A 100 -0.53 11.20 -8.52
CA ARG A 100 0.56 10.82 -9.40
C ARG A 100 0.20 9.60 -10.24
N THR A 101 0.82 9.52 -11.41
CA THR A 101 0.84 8.31 -12.20
C THR A 101 1.81 7.30 -11.57
N ILE A 102 1.73 6.05 -12.03
CA ILE A 102 2.66 5.01 -11.61
C ILE A 102 3.45 4.55 -12.82
N ALA A 103 4.73 4.28 -12.61
CA ALA A 103 5.60 3.84 -13.69
C ALA A 103 5.22 2.43 -14.13
N SER A 104 5.32 2.18 -15.43
CA SER A 104 4.97 0.88 -15.99
C SER A 104 5.85 0.65 -17.21
N PRO A 105 5.83 -0.58 -17.75
CA PRO A 105 6.73 -0.89 -18.87
C PRO A 105 6.56 0.01 -20.09
N LYS A 106 5.35 0.52 -20.32
CA LYS A 106 5.05 1.34 -21.49
C LYS A 106 4.87 2.82 -21.15
N GLY A 107 5.17 3.22 -19.92
CA GLY A 107 5.11 4.61 -19.54
C GLY A 107 4.24 4.87 -18.33
N PRO A 108 4.07 6.15 -17.97
CA PRO A 108 3.25 6.49 -16.81
C PRO A 108 1.81 6.06 -17.01
N VAL A 109 1.23 5.48 -15.95
CA VAL A 109 -0.15 4.98 -15.96
C VAL A 109 -0.99 5.87 -15.06
N THR A 110 -2.10 6.37 -15.59
CA THR A 110 -2.96 7.28 -14.85
C THR A 110 -3.84 6.51 -13.86
N GLN A 111 -4.05 7.10 -12.69
CA GLN A 111 -4.92 6.50 -11.68
C GLN A 111 -6.30 6.25 -12.26
N MET A 112 -6.86 5.09 -11.93
CA MET A 112 -8.26 4.82 -12.26
C MET A 112 -9.19 5.02 -11.07
N TYR A 113 -8.66 5.21 -9.86
CA TYR A 113 -9.44 5.61 -8.70
C TYR A 113 -8.68 6.68 -7.93
N THR A 114 -9.40 7.74 -7.52
CA THR A 114 -8.86 8.78 -6.66
C THR A 114 -9.98 9.26 -5.75
N ASN A 115 -9.83 9.05 -4.45
CA ASN A 115 -10.81 9.53 -3.47
C ASN A 115 -10.07 10.10 -2.26
N VAL A 116 -9.94 11.44 -2.25
CA VAL A 116 -9.25 12.11 -1.16
C VAL A 116 -10.05 12.02 0.14
N ASP A 117 -11.36 11.90 0.05
CA ASP A 117 -12.18 11.77 1.25
C ASP A 117 -11.92 10.46 1.98
N LYS A 118 -11.44 9.44 1.27
CA LYS A 118 -11.07 8.18 1.88
C LYS A 118 -9.56 8.00 2.03
N ASP A 119 -8.76 8.98 1.58
CA ASP A 119 -7.30 8.85 1.55
C ASP A 119 -6.90 7.66 0.69
N LEU A 120 -7.56 7.50 -0.45
CA LEU A 120 -7.45 6.30 -1.27
C LEU A 120 -7.17 6.66 -2.71
N VAL A 121 -6.25 5.91 -3.33
CA VAL A 121 -6.03 5.97 -4.77
C VAL A 121 -5.77 4.55 -5.26
N GLY A 122 -5.88 4.38 -6.57
CA GLY A 122 -5.65 3.08 -7.16
C GLY A 122 -5.33 3.11 -8.64
N TRP A 123 -4.45 2.22 -9.08
CA TRP A 123 -4.16 2.00 -10.48
C TRP A 123 -4.54 0.57 -10.85
N GLN A 124 -4.63 0.31 -12.15
CA GLN A 124 -4.72 -1.07 -12.61
C GLN A 124 -3.55 -1.87 -12.07
N ALA A 125 -3.83 -3.09 -11.62
CA ALA A 125 -2.78 -3.91 -11.02
C ALA A 125 -1.71 -4.21 -12.06
N PRO A 126 -0.42 -4.11 -11.71
CA PRO A 126 0.62 -4.33 -12.72
C PRO A 126 0.60 -5.76 -13.25
N GLN A 127 0.99 -5.90 -14.52
CA GLN A 127 1.11 -7.22 -15.11
C GLN A 127 2.12 -8.04 -14.33
N GLY A 128 1.72 -9.26 -13.95
CA GLY A 128 2.55 -10.14 -13.17
C GLY A 128 2.27 -10.13 -11.68
N SER A 129 1.55 -9.12 -11.20
CA SER A 129 1.16 -9.07 -9.80
C SER A 129 0.08 -10.10 -9.51
N ARG A 130 -0.08 -10.40 -8.22
CA ARG A 130 -1.18 -11.24 -7.75
C ARG A 130 -2.07 -10.41 -6.84
N SER A 131 -3.38 -10.57 -7.00
CA SER A 131 -4.36 -9.81 -6.25
C SER A 131 -4.84 -10.60 -5.03
N LEU A 132 -5.07 -9.90 -3.93
CA LEU A 132 -5.74 -10.49 -2.78
C LEU A 132 -7.24 -10.54 -3.03
N THR A 133 -7.89 -11.50 -2.38
CA THR A 133 -9.34 -11.63 -2.50
C THR A 133 -10.03 -10.79 -1.42
N PRO A 134 -11.05 -10.02 -1.75
CA PRO A 134 -11.77 -9.28 -0.70
C PRO A 134 -12.38 -10.23 0.33
N CYS A 135 -12.20 -9.89 1.60
CA CYS A 135 -12.69 -10.76 2.67
C CYS A 135 -14.20 -10.70 2.77
N THR A 136 -14.82 -11.87 2.92
CA THR A 136 -16.24 -11.99 3.24
C THR A 136 -16.45 -12.78 4.53
N CYS A 137 -15.40 -12.90 5.34
CA CYS A 137 -15.47 -13.75 6.54
C CYS A 137 -16.20 -13.08 7.69
N GLY A 138 -16.19 -11.75 7.76
CA GLY A 138 -16.78 -11.07 8.89
C GLY A 138 -16.03 -11.29 10.18
N SER A 139 -14.73 -11.55 10.11
CA SER A 139 -13.91 -11.79 11.29
C SER A 139 -13.26 -10.49 11.74
N SER A 140 -13.01 -10.40 13.04
CA SER A 140 -12.35 -9.24 13.64
C SER A 140 -10.93 -9.53 14.09
N ASP A 141 -10.39 -10.71 13.78
CA ASP A 141 -9.01 -11.06 14.11
C ASP A 141 -8.18 -10.82 12.86
N LEU A 142 -7.54 -9.66 12.80
CA LEU A 142 -6.85 -9.19 11.60
C LEU A 142 -5.34 -9.25 11.78
N TYR A 143 -4.64 -9.05 10.67
CA TYR A 143 -3.18 -9.04 10.64
C TYR A 143 -2.73 -7.94 9.70
N LEU A 144 -1.91 -7.03 10.22
CA LEU A 144 -1.37 -5.92 9.45
C LEU A 144 0.05 -6.26 8.99
N VAL A 145 0.29 -6.07 7.69
CA VAL A 145 1.59 -6.34 7.09
C VAL A 145 2.31 -5.00 6.88
N THR A 146 3.48 -4.86 7.49
CA THR A 146 4.26 -3.62 7.40
C THR A 146 5.32 -3.74 6.31
N ARG A 147 5.97 -2.60 6.02
CA ARG A 147 7.02 -2.57 5.01
C ARG A 147 8.25 -3.35 5.44
N HIS A 148 8.40 -3.64 6.73
CA HIS A 148 9.49 -4.46 7.22
C HIS A 148 9.10 -5.94 7.32
N ALA A 149 8.00 -6.32 6.68
CA ALA A 149 7.52 -7.70 6.66
C ALA A 149 7.10 -8.20 8.03
N ASP A 150 6.78 -7.29 8.96
CA ASP A 150 6.17 -7.69 10.22
C ASP A 150 4.69 -7.97 10.00
N VAL A 151 4.20 -9.04 10.61
CA VAL A 151 2.79 -9.41 10.56
C VAL A 151 2.23 -9.17 11.95
N ILE A 152 1.55 -8.04 12.11
CA ILE A 152 1.14 -7.54 13.43
C ILE A 152 -0.32 -7.93 13.66
N PRO A 153 -0.63 -8.68 14.71
CA PRO A 153 -2.04 -8.96 15.03
C PRO A 153 -2.78 -7.69 15.42
N VAL A 154 -3.97 -7.51 14.83
CA VAL A 154 -4.81 -6.34 15.07
C VAL A 154 -6.24 -6.83 15.26
N ARG A 155 -6.87 -6.38 16.34
CA ARG A 155 -8.27 -6.69 16.61
C ARG A 155 -9.13 -5.59 16.00
N ARG A 156 -10.06 -5.97 15.13
CA ARG A 156 -10.96 -4.99 14.54
C ARG A 156 -11.84 -4.38 15.61
N ARG A 157 -11.90 -3.04 15.64
CA ARG A 157 -12.69 -2.30 16.61
C ARG A 157 -13.81 -1.49 15.98
N GLY A 158 -13.86 -1.39 14.66
CA GLY A 158 -14.93 -0.68 14.00
C GLY A 158 -14.89 -0.95 12.51
N ASP A 159 -15.70 -0.18 11.79
CA ASP A 159 -15.69 -0.30 10.33
C ASP A 159 -14.33 0.04 9.75
N SER A 160 -13.59 0.96 10.38
CA SER A 160 -12.33 1.41 9.81
C SER A 160 -11.22 1.54 10.84
N ARG A 161 -11.32 0.85 11.99
CA ARG A 161 -10.33 0.98 13.05
C ARG A 161 -10.07 -0.39 13.69
N GLY A 162 -8.84 -0.55 14.18
CA GLY A 162 -8.45 -1.74 14.90
C GLY A 162 -7.34 -1.42 15.88
N SER A 163 -7.22 -2.25 16.90
CA SER A 163 -6.25 -2.04 17.97
C SER A 163 -5.14 -3.08 17.88
N LEU A 164 -3.91 -2.63 18.06
CA LEU A 164 -2.77 -3.53 18.07
C LEU A 164 -2.79 -4.36 19.35
N LEU A 165 -2.65 -5.68 19.20
CA LEU A 165 -2.56 -6.54 20.38
C LEU A 165 -1.30 -6.23 21.18
N SER A 166 -0.22 -5.86 20.50
CA SER A 166 1.04 -5.47 21.13
C SER A 166 1.38 -4.08 20.63
N PRO A 167 0.96 -3.02 21.33
CA PRO A 167 1.31 -1.66 20.88
C PRO A 167 2.81 -1.48 20.76
N ARG A 168 3.23 -0.49 19.96
CA ARG A 168 4.64 -0.20 19.77
C ARG A 168 4.77 1.20 19.19
N PRO A 169 5.96 1.81 19.28
CA PRO A 169 6.12 3.18 18.78
C PRO A 169 5.67 3.32 17.34
N ILE A 170 5.12 4.48 17.00
CA ILE A 170 4.67 4.74 15.64
C ILE A 170 5.79 4.60 14.63
N SER A 171 7.04 4.75 15.07
CA SER A 171 8.18 4.59 14.17
C SER A 171 8.12 3.27 13.42
N TYR A 172 7.61 2.21 14.06
CA TYR A 172 7.56 0.90 13.43
C TYR A 172 6.50 0.82 12.35
N LEU A 173 5.49 1.68 12.38
CA LEU A 173 4.45 1.69 11.37
C LEU A 173 4.68 2.70 10.26
N LYS A 174 5.51 3.72 10.49
CA LYS A 174 5.79 4.72 9.47
C LYS A 174 6.29 4.06 8.19
N GLY A 175 5.71 4.47 7.07
CA GLY A 175 6.05 3.92 5.77
C GLY A 175 5.25 2.70 5.36
N SER A 176 4.26 2.29 6.16
CA SER A 176 3.47 1.12 5.86
C SER A 176 2.04 1.45 5.41
N SER A 177 1.68 2.72 5.33
CA SER A 177 0.38 3.06 4.75
C SER A 177 0.29 2.49 3.33
N GLY A 178 -0.89 2.02 2.98
CA GLY A 178 -1.09 1.29 1.75
C GLY A 178 -0.92 -0.21 1.89
N GLY A 179 -0.39 -0.68 3.01
CA GLY A 179 -0.27 -2.10 3.27
C GLY A 179 -1.61 -2.70 3.68
N PRO A 180 -1.72 -4.02 3.61
CA PRO A 180 -3.00 -4.67 3.87
C PRO A 180 -3.24 -5.03 5.32
N LEU A 181 -4.52 -5.04 5.69
CA LEU A 181 -5.00 -5.76 6.84
C LEU A 181 -5.68 -7.03 6.33
N LEU A 182 -5.23 -8.17 6.82
CA LEU A 182 -5.68 -9.47 6.32
C LEU A 182 -6.46 -10.20 7.40
N CYS A 183 -7.43 -11.00 6.97
CA CYS A 183 -8.16 -11.89 7.86
C CYS A 183 -7.34 -13.15 8.09
N PRO A 184 -7.80 -14.03 8.98
CA PRO A 184 -7.02 -15.26 9.24
C PRO A 184 -6.81 -16.10 8.00
N ALA A 185 -7.72 -16.06 7.04
CA ALA A 185 -7.62 -16.84 5.82
C ALA A 185 -6.80 -16.16 4.73
N GLY A 186 -6.26 -14.98 4.99
CA GLY A 186 -5.44 -14.29 4.01
C GLY A 186 -6.20 -13.38 3.08
N HIS A 187 -7.49 -13.16 3.31
CA HIS A 187 -8.26 -12.22 2.50
C HIS A 187 -7.92 -10.79 2.88
N ALA A 188 -8.10 -9.88 1.93
CA ALA A 188 -7.92 -8.45 2.21
C ALA A 188 -9.13 -7.91 2.96
N VAL A 189 -8.87 -7.26 4.10
CA VAL A 189 -9.92 -6.63 4.87
C VAL A 189 -9.87 -5.10 4.79
N GLY A 190 -8.71 -4.53 4.49
CA GLY A 190 -8.61 -3.08 4.39
C GLY A 190 -7.20 -2.66 4.02
N ILE A 191 -7.05 -1.36 3.81
CA ILE A 191 -5.78 -0.74 3.45
C ILE A 191 -5.36 0.16 4.60
N PHE A 192 -4.15 -0.05 5.11
CA PHE A 192 -3.62 0.74 6.21
C PHE A 192 -3.55 2.22 5.82
N ARG A 193 -4.14 3.07 6.65
CA ARG A 193 -4.29 4.49 6.35
C ARG A 193 -3.60 5.39 7.37
N ALA A 194 -3.83 5.16 8.66
CA ALA A 194 -3.27 6.03 9.69
C ALA A 194 -3.13 5.26 10.99
N ALA A 195 -2.26 5.76 11.86
CA ALA A 195 -2.05 5.21 13.18
C ALA A 195 -2.57 6.20 14.21
N VAL A 196 -3.26 5.67 15.23
CA VAL A 196 -3.71 6.47 16.36
C VAL A 196 -2.56 6.48 17.37
N SER A 197 -1.98 7.65 17.60
CA SER A 197 -0.78 7.79 18.41
C SER A 197 -1.14 8.37 19.77
N THR A 198 -0.63 7.75 20.82
CA THR A 198 -0.80 8.23 22.20
C THR A 198 0.59 8.30 22.83
N ARG A 199 1.16 9.50 22.89
CA ARG A 199 2.51 9.70 23.42
C ARG A 199 3.53 8.90 22.60
N GLY A 200 3.34 8.88 21.29
CA GLY A 200 4.25 8.19 20.39
C GLY A 200 4.02 6.71 20.24
N VAL A 201 3.12 6.12 21.02
CA VAL A 201 2.86 4.68 20.97
C VAL A 201 1.61 4.44 20.14
N ALA A 202 1.70 3.53 19.18
CA ALA A 202 0.58 3.16 18.33
C ALA A 202 -0.23 2.07 19.00
N LYS A 203 -1.39 2.44 19.56
CA LYS A 203 -2.29 1.47 20.14
C LYS A 203 -3.45 1.10 19.22
N ALA A 204 -3.73 1.92 18.21
CA ALA A 204 -4.80 1.62 17.26
C ALA A 204 -4.42 2.13 15.88
N VAL A 205 -5.06 1.57 14.87
CA VAL A 205 -4.83 1.94 13.48
C VAL A 205 -6.16 2.19 12.79
N ALA A 206 -6.11 3.04 11.78
CA ALA A 206 -7.24 3.29 10.90
C ALA A 206 -6.92 2.75 9.52
N PHE A 207 -7.93 2.22 8.84
CA PHE A 207 -7.74 1.62 7.52
C PHE A 207 -8.97 1.85 6.68
N ILE A 208 -8.78 1.76 5.36
CA ILE A 208 -9.89 1.83 4.41
C ILE A 208 -10.47 0.44 4.28
N PRO A 209 -11.71 0.21 4.69
CA PRO A 209 -12.26 -1.15 4.61
C PRO A 209 -12.45 -1.60 3.17
N VAL A 210 -12.29 -2.91 2.95
CA VAL A 210 -12.37 -3.46 1.61
C VAL A 210 -13.72 -3.14 0.98
N GLU A 211 -14.79 -3.13 1.78
CA GLU A 211 -16.11 -2.81 1.24
C GLU A 211 -16.13 -1.40 0.66
N SER A 212 -15.41 -0.47 1.28
CA SER A 212 -15.26 0.86 0.70
C SER A 212 -14.48 0.80 -0.62
N LEU A 213 -13.52 -0.11 -0.71
CA LEU A 213 -12.87 -0.38 -2.00
C LEU A 213 -13.86 -0.97 -2.99
N GLU A 214 -14.57 -2.03 -2.59
CA GLU A 214 -15.52 -2.67 -3.50
C GLU A 214 -16.59 -1.70 -3.96
N THR A 215 -16.93 -0.70 -3.13
CA THR A 215 -17.89 0.30 -3.55
C THR A 215 -17.29 1.21 -4.62
N THR A 216 -16.10 1.76 -4.37
CA THR A 216 -15.46 2.64 -5.34
CA THR A 216 -15.49 2.64 -5.35
C THR A 216 -15.28 1.94 -6.69
N MET A 217 -15.09 0.62 -6.67
CA MET A 217 -14.91 -0.13 -7.91
C MET A 217 -16.21 -0.16 -8.72
#